data_4OW4
#
_entry.id   4OW4
#
_cell.length_a   52.861
_cell.length_b   68.634
_cell.length_c   76.044
_cell.angle_alpha   90.000
_cell.angle_beta   90.000
_cell.angle_gamma   90.000
#
_symmetry.space_group_name_H-M   'P 21 21 21'
#
loop_
_entity.id
_entity.type
_entity.pdbx_description
1 polymer 'Beta-terfoil designed by folding nucleus symmetric expansion ("Phifoil")'
2 non-polymer 'SULFATE ION'
3 water water
#
_entity_poly.entity_id   1
_entity_poly.type   'polypeptide(L)'
_entity_poly.pdbx_seq_one_letter_code
;HEVYIKSTETGQYLRILPDGTVDGTRDRSDQHIQLQLSAESVGEVYIKSTETGQYLRILPDGTVDGTRDRSDQHIQLQLS
AESVGEVYIKSTETGQYLRILPDGTVDGTRDRSDQHIQLQLSA
;
_entity_poly.pdbx_strand_id   A,B
#
loop_
_chem_comp.id
_chem_comp.type
_chem_comp.name
_chem_comp.formula
SO4 non-polymer 'SULFATE ION' 'O4 S -2'
#
# COMPACT_ATOMS: atom_id res chain seq x y z
N HIS A 1 15.37 -22.54 15.34
CA HIS A 1 14.32 -22.95 16.27
C HIS A 1 12.99 -22.32 15.88
N GLU A 2 11.91 -22.82 16.46
CA GLU A 2 10.60 -22.24 16.24
C GLU A 2 10.32 -21.10 17.23
N VAL A 3 9.56 -20.12 16.75
CA VAL A 3 9.28 -18.91 17.52
C VAL A 3 7.78 -18.70 17.62
N TYR A 4 7.36 -17.96 18.65
CA TYR A 4 5.96 -17.63 18.86
C TYR A 4 5.83 -16.12 18.95
N ILE A 5 4.96 -15.54 18.13
CA ILE A 5 4.76 -14.10 18.17
C ILE A 5 3.41 -13.79 18.81
N LYS A 6 3.44 -13.00 19.86
CA LYS A 6 2.23 -12.73 20.64
C LYS A 6 2.07 -11.23 20.85
N SER A 7 0.82 -10.77 20.86
CA SER A 7 0.53 -9.40 21.20
C SER A 7 0.70 -9.16 22.69
N THR A 8 1.55 -8.21 23.04
CA THR A 8 1.74 -7.88 24.44
C THR A 8 0.57 -7.08 25.00
N GLU A 9 -0.28 -6.55 24.11
CA GLU A 9 -1.43 -5.79 24.59
C GLU A 9 -2.63 -6.69 24.82
N THR A 10 -2.82 -7.68 23.93
CA THR A 10 -4.00 -8.53 23.98
C THR A 10 -3.71 -9.95 24.47
N GLY A 11 -2.48 -10.41 24.32
CA GLY A 11 -2.11 -11.76 24.70
C GLY A 11 -2.45 -12.77 23.61
N GLN A 12 -2.83 -12.26 22.45
CA GLN A 12 -3.18 -13.09 21.32
C GLN A 12 -1.94 -13.49 20.51
N TYR A 13 -1.83 -14.77 20.19
CA TYR A 13 -0.73 -15.28 19.36
C TYR A 13 -1.03 -15.15 17.88
N LEU A 14 0.00 -14.77 17.12
CA LEU A 14 -0.09 -14.72 15.67
C LEU A 14 -0.32 -16.12 15.11
N ARG A 15 -1.36 -16.27 14.29
CA ARG A 15 -1.72 -17.58 13.76
C ARG A 15 -1.84 -17.56 12.25
N ILE A 16 -1.19 -18.51 11.58
CA ILE A 16 -1.27 -18.62 10.14
C ILE A 16 -2.06 -19.87 9.76
N LEU A 17 -3.25 -19.67 9.20
CA LEU A 17 -4.15 -20.78 8.89
C LEU A 17 -3.92 -21.33 7.48
N PRO A 18 -4.20 -22.64 7.29
CA PRO A 18 -3.96 -23.31 6.01
C PRO A 18 -4.67 -22.69 4.80
N ASP A 19 -5.79 -21.99 5.01
CA ASP A 19 -6.48 -21.36 3.87
C ASP A 19 -5.88 -19.99 3.52
N GLY A 20 -4.73 -19.68 4.10
CA GLY A 20 -4.06 -18.42 3.85
C GLY A 20 -4.46 -17.29 4.77
N THR A 21 -5.41 -17.57 5.67
CA THR A 21 -5.88 -16.56 6.61
C THR A 21 -4.90 -16.38 7.76
N VAL A 22 -4.77 -15.14 8.22
CA VAL A 22 -3.96 -14.81 9.39
C VAL A 22 -4.82 -14.11 10.43
N ASP A 23 -4.80 -14.61 11.66
CA ASP A 23 -5.54 -13.99 12.75
C ASP A 23 -4.83 -14.20 14.07
N GLY A 24 -5.48 -13.78 15.16
CA GLY A 24 -4.92 -13.93 16.49
C GLY A 24 -5.71 -14.92 17.31
N THR A 25 -5.02 -15.65 18.18
CA THR A 25 -5.68 -16.59 19.06
C THR A 25 -4.95 -16.69 20.39
N ARG A 26 -5.70 -17.01 21.45
CA ARG A 26 -5.12 -17.18 22.76
C ARG A 26 -5.04 -18.66 23.10
N ASP A 27 -5.48 -19.48 22.15
CA ASP A 27 -5.43 -20.93 22.30
C ASP A 27 -3.99 -21.41 22.12
N ARG A 28 -3.32 -21.65 23.25
CA ARG A 28 -1.92 -22.05 23.26
C ARG A 28 -1.72 -23.48 22.74
N SER A 29 -2.83 -24.19 22.56
CA SER A 29 -2.77 -25.55 22.03
C SER A 29 -2.81 -25.56 20.50
N ASP A 30 -3.11 -24.41 19.91
CA ASP A 30 -3.24 -24.31 18.47
C ASP A 30 -1.87 -24.49 17.79
N GLN A 31 -1.78 -25.48 16.89
CA GLN A 31 -0.52 -25.75 16.20
C GLN A 31 -0.10 -24.72 15.17
N HIS A 32 -1.02 -23.84 14.79
CA HIS A 32 -0.72 -22.92 13.70
C HIS A 32 -0.14 -21.61 14.20
N ILE A 33 0.30 -21.59 15.46
CA ILE A 33 0.96 -20.43 16.02
C ILE A 33 2.47 -20.64 16.05
N GLN A 34 2.89 -21.85 15.68
CA GLN A 34 4.30 -22.19 15.64
C GLN A 34 4.92 -21.57 14.39
N LEU A 35 5.90 -20.69 14.59
CA LEU A 35 6.48 -19.98 13.47
C LEU A 35 7.98 -20.24 13.40
N GLN A 36 8.63 -19.78 12.33
CA GLN A 36 10.06 -19.98 12.17
C GLN A 36 10.64 -18.79 11.41
N LEU A 37 11.77 -18.30 11.88
CA LEU A 37 12.40 -17.15 11.25
C LEU A 37 13.55 -17.53 10.31
N SER A 38 13.69 -16.77 9.24
CA SER A 38 14.83 -16.92 8.34
C SER A 38 15.21 -15.59 7.66
N ALA A 39 16.51 -15.36 7.55
CA ALA A 39 17.06 -14.15 6.96
C ALA A 39 17.00 -14.16 5.43
N GLU A 40 16.53 -13.08 4.81
CA GLU A 40 16.64 -12.99 3.35
C GLU A 40 17.88 -12.16 3.00
N SER A 41 18.25 -11.28 3.92
CA SER A 41 19.25 -10.24 3.69
C SER A 41 19.34 -9.40 4.95
N VAL A 42 20.39 -8.58 5.03
CA VAL A 42 20.65 -7.75 6.19
C VAL A 42 19.45 -6.92 6.67
N GLY A 43 18.96 -7.26 7.85
CA GLY A 43 17.89 -6.53 8.49
C GLY A 43 16.48 -7.00 8.19
N GLU A 44 16.34 -7.94 7.26
CA GLU A 44 15.01 -8.39 6.85
C GLU A 44 14.86 -9.90 6.92
N VAL A 45 13.66 -10.35 7.28
CA VAL A 45 13.40 -11.77 7.50
C VAL A 45 12.13 -12.27 6.84
N TYR A 46 12.06 -13.59 6.68
CA TYR A 46 10.82 -14.27 6.34
C TYR A 46 10.23 -14.85 7.63
N ILE A 47 8.92 -14.72 7.79
CA ILE A 47 8.24 -15.41 8.89
C ILE A 47 7.35 -16.51 8.34
N LYS A 48 7.72 -17.75 8.62
CA LYS A 48 7.06 -18.93 8.06
C LYS A 48 6.34 -19.76 9.10
N SER A 49 5.14 -20.23 8.75
CA SER A 49 4.44 -21.26 9.51
C SER A 49 5.14 -22.61 9.35
N THR A 50 5.41 -23.28 10.46
CA THR A 50 6.07 -24.58 10.40
C THR A 50 5.08 -25.67 10.01
N GLU A 51 3.81 -25.46 10.33
CA GLU A 51 2.76 -26.42 10.01
C GLU A 51 2.33 -26.37 8.56
N THR A 52 2.24 -25.17 8.00
CA THR A 52 1.66 -25.00 6.66
C THR A 52 2.67 -24.57 5.61
N GLY A 53 3.80 -23.99 6.04
CA GLY A 53 4.80 -23.53 5.11
C GLY A 53 4.45 -22.24 4.40
N GLN A 54 3.40 -21.56 4.86
CA GLN A 54 3.03 -20.28 4.25
C GLN A 54 3.91 -19.18 4.82
N TYR A 55 4.19 -18.17 4.02
CA TYR A 55 4.91 -17.01 4.54
C TYR A 55 3.94 -15.90 4.92
N LEU A 56 4.24 -15.22 6.04
CA LEU A 56 3.48 -14.08 6.47
C LEU A 56 3.60 -12.97 5.45
N ARG A 57 2.47 -12.41 5.02
CA ARG A 57 2.48 -11.39 3.98
C ARG A 57 1.67 -10.15 4.36
N ILE A 58 2.26 -8.99 4.16
CA ILE A 58 1.58 -7.72 4.42
C ILE A 58 1.31 -6.96 3.13
N LEU A 59 0.04 -6.96 2.72
CA LEU A 59 -0.36 -6.31 1.48
C LEU A 59 -0.59 -4.80 1.67
N PRO A 60 -0.37 -4.01 0.61
CA PRO A 60 -0.48 -2.55 0.63
C PRO A 60 -1.80 -2.02 1.20
N ASP A 61 -2.90 -2.76 1.05
CA ASP A 61 -4.19 -2.28 1.53
C ASP A 61 -4.41 -2.55 3.02
N GLY A 62 -3.37 -3.06 3.68
CA GLY A 62 -3.44 -3.30 5.11
C GLY A 62 -3.85 -4.72 5.47
N THR A 63 -4.19 -5.52 4.47
CA THR A 63 -4.54 -6.92 4.71
C THR A 63 -3.29 -7.72 5.03
N VAL A 64 -3.43 -8.65 5.97
CA VAL A 64 -2.35 -9.56 6.32
C VAL A 64 -2.78 -11.00 6.12
N ASP A 65 -2.05 -11.74 5.29
CA ASP A 65 -2.41 -13.12 5.00
C ASP A 65 -1.17 -13.99 4.78
N GLY A 66 -1.38 -15.20 4.27
CA GLY A 66 -0.28 -16.12 4.05
C GLY A 66 -0.14 -16.53 2.61
N THR A 67 1.09 -16.86 2.20
CA THR A 67 1.36 -17.34 0.85
C THR A 67 2.59 -18.25 0.86
N ARG A 68 2.59 -19.25 -0.01
CA ARG A 68 3.73 -20.14 -0.12
C ARG A 68 4.69 -19.67 -1.21
N ASP A 69 4.33 -18.58 -1.87
CA ASP A 69 5.17 -18.02 -2.92
C ASP A 69 6.32 -17.27 -2.27
N ARG A 70 7.46 -17.95 -2.15
CA ARG A 70 8.64 -17.38 -1.52
C ARG A 70 9.17 -16.20 -2.33
N SER A 71 8.76 -16.12 -3.59
CA SER A 71 9.19 -15.05 -4.48
C SER A 71 8.36 -13.80 -4.26
N ASP A 72 7.19 -13.97 -3.61
CA ASP A 72 6.32 -12.85 -3.30
C ASP A 72 7.14 -11.74 -2.65
N GLN A 73 6.92 -10.52 -3.10
CA GLN A 73 7.71 -9.40 -2.63
C GLN A 73 7.00 -8.49 -1.62
N HIS A 74 6.02 -9.06 -0.92
CA HIS A 74 5.44 -8.42 0.26
C HIS A 74 5.60 -9.30 1.49
N ILE A 75 6.50 -10.28 1.42
CA ILE A 75 6.76 -11.16 2.55
C ILE A 75 8.07 -10.79 3.23
N GLN A 76 8.77 -9.80 2.68
CA GLN A 76 9.97 -9.28 3.31
C GLN A 76 9.63 -8.38 4.48
N LEU A 77 9.97 -8.84 5.68
CA LEU A 77 9.57 -8.17 6.90
C LEU A 77 10.73 -7.75 7.78
N GLN A 78 10.48 -6.74 8.60
CA GLN A 78 11.50 -6.24 9.52
C GLN A 78 11.11 -6.48 10.98
N LEU A 79 11.91 -7.26 11.71
CA LEU A 79 11.77 -7.32 13.16
C LEU A 79 12.62 -6.25 13.83
N SER A 80 11.98 -5.22 14.38
CA SER A 80 12.71 -4.19 15.11
C SER A 80 12.44 -4.36 16.60
N ALA A 81 13.51 -4.37 17.39
CA ALA A 81 13.37 -4.63 18.82
C ALA A 81 13.03 -3.35 19.55
N GLU A 82 12.13 -3.44 20.53
CA GLU A 82 11.86 -2.26 21.33
C GLU A 82 12.33 -2.43 22.77
N SER A 83 12.67 -3.66 23.12
CA SER A 83 13.29 -4.02 24.40
C SER A 83 13.62 -5.50 24.29
N VAL A 84 13.83 -6.19 25.41
CA VAL A 84 14.15 -7.62 25.34
C VAL A 84 12.88 -8.47 25.29
N GLY A 85 12.75 -9.28 24.24
CA GLY A 85 11.57 -10.11 24.08
C GLY A 85 10.50 -9.38 23.30
N GLU A 86 10.69 -8.07 23.17
CA GLU A 86 9.69 -7.17 22.63
C GLU A 86 10.07 -6.60 21.26
N VAL A 87 9.17 -6.71 20.29
CA VAL A 87 9.49 -6.33 18.92
C VAL A 87 8.33 -5.69 18.15
N TYR A 88 8.66 -5.00 17.06
CA TYR A 88 7.65 -4.58 16.09
C TYR A 88 7.93 -5.30 14.77
N ILE A 89 6.87 -5.69 14.08
CA ILE A 89 7.01 -6.30 12.77
C ILE A 89 6.55 -5.31 11.70
N LYS A 90 7.48 -4.86 10.87
CA LYS A 90 7.15 -3.86 9.85
C LYS A 90 7.46 -4.38 8.45
N SER A 91 6.55 -4.09 7.53
CA SER A 91 6.78 -4.33 6.11
C SER A 91 7.55 -3.16 5.52
N THR A 92 8.80 -3.42 5.17
CA THR A 92 9.68 -2.36 4.70
C THR A 92 9.30 -1.88 3.29
N GLU A 93 8.61 -2.73 2.53
CA GLU A 93 8.09 -2.31 1.23
C GLU A 93 6.90 -1.36 1.33
N THR A 94 6.01 -1.60 2.28
CA THR A 94 4.84 -0.72 2.46
C THR A 94 4.95 0.24 3.64
N GLY A 95 5.76 -0.11 4.63
CA GLY A 95 5.94 0.75 5.79
C GLY A 95 4.91 0.49 6.89
N GLN A 96 4.12 -0.56 6.69
CA GLN A 96 3.05 -0.87 7.63
C GLN A 96 3.58 -1.79 8.73
N TYR A 97 3.10 -1.57 9.95
CA TYR A 97 3.40 -2.46 11.07
C TYR A 97 2.34 -3.53 11.17
N LEU A 98 2.73 -4.73 11.58
CA LEU A 98 1.76 -5.79 11.83
C LEU A 98 0.94 -5.44 13.08
N ARG A 99 -0.39 -5.59 12.99
CA ARG A 99 -1.27 -5.24 14.12
C ARG A 99 -2.19 -6.38 14.49
N ILE A 100 -2.32 -6.62 15.79
CA ILE A 100 -3.20 -7.66 16.30
C ILE A 100 -4.29 -7.02 17.17
N LEU A 101 -5.53 -7.13 16.70
CA LEU A 101 -6.65 -6.49 17.39
C LEU A 101 -7.35 -7.47 18.32
N PRO A 102 -7.88 -6.98 19.45
CA PRO A 102 -8.47 -7.85 20.47
C PRO A 102 -9.66 -8.69 19.99
N ASP A 103 -10.25 -8.35 18.86
CA ASP A 103 -11.34 -9.17 18.32
C ASP A 103 -10.80 -10.38 17.57
N GLY A 104 -9.48 -10.42 17.40
CA GLY A 104 -8.84 -11.54 16.75
C GLY A 104 -8.29 -11.19 15.38
N THR A 105 -8.64 -10.00 14.90
CA THR A 105 -8.24 -9.56 13.58
C THR A 105 -6.77 -9.14 13.54
N VAL A 106 -6.08 -9.55 12.48
CA VAL A 106 -4.70 -9.15 12.24
C VAL A 106 -4.59 -8.40 10.92
N ASP A 107 -4.08 -7.18 10.96
CA ASP A 107 -3.94 -6.37 9.75
C ASP A 107 -2.70 -5.49 9.82
N GLY A 108 -2.58 -4.58 8.87
CA GLY A 108 -1.46 -3.66 8.84
C GLY A 108 -1.96 -2.25 9.05
N THR A 109 -1.12 -1.41 9.60
CA THR A 109 -1.45 0.00 9.83
C THR A 109 -0.18 0.84 9.82
N ARG A 110 -0.32 2.11 9.47
CA ARG A 110 0.82 3.00 9.29
C ARG A 110 1.07 3.98 10.43
N ASP A 111 0.21 3.95 11.45
CA ASP A 111 0.35 4.87 12.57
C ASP A 111 1.12 4.23 13.71
N ARG A 112 2.27 4.80 14.02
CA ARG A 112 3.17 4.31 15.04
C ARG A 112 2.62 4.46 16.46
N SER A 113 1.61 5.32 16.61
CA SER A 113 1.00 5.53 17.91
C SER A 113 -0.04 4.45 18.23
N ASP A 114 -0.33 3.59 17.27
CA ASP A 114 -1.31 2.52 17.45
C ASP A 114 -0.96 1.66 18.67
N GLN A 115 -1.97 1.37 19.48
CA GLN A 115 -1.76 0.68 20.74
C GLN A 115 -1.93 -0.85 20.63
N HIS A 116 -1.76 -1.39 19.44
CA HIS A 116 -1.85 -2.84 19.26
C HIS A 116 -0.75 -3.42 18.38
N ILE A 117 0.37 -2.71 18.23
CA ILE A 117 1.44 -3.19 17.35
C ILE A 117 2.68 -3.70 18.06
N GLN A 118 2.73 -3.56 19.38
CA GLN A 118 3.87 -4.04 20.16
C GLN A 118 3.74 -5.53 20.44
N LEU A 119 4.72 -6.30 19.99
CA LEU A 119 4.63 -7.75 19.99
C LEU A 119 5.70 -8.40 20.87
N GLN A 120 5.46 -9.66 21.24
CA GLN A 120 6.40 -10.43 22.04
C GLN A 120 6.91 -11.64 21.26
N LEU A 121 8.23 -11.79 21.22
CA LEU A 121 8.87 -12.90 20.53
C LEU A 121 9.45 -13.87 21.55
N SER A 122 9.01 -15.12 21.50
CA SER A 122 9.57 -16.17 22.36
C SER A 122 9.96 -17.38 21.53
N ALA A 123 11.00 -18.08 21.97
CA ALA A 123 11.49 -19.26 21.26
C ALA A 123 11.42 -20.49 22.15
N HIS B 1 9.18 1.02 -8.60
CA HIS B 1 8.21 1.33 -7.56
C HIS B 1 6.79 1.39 -8.06
N GLU B 2 5.88 1.00 -7.18
CA GLU B 2 4.46 1.20 -7.37
C GLU B 2 3.99 2.39 -6.52
N VAL B 3 3.09 3.21 -7.05
CA VAL B 3 2.69 4.42 -6.35
C VAL B 3 1.18 4.54 -6.19
N TYR B 4 0.78 5.28 -5.16
CA TYR B 4 -0.62 5.53 -4.90
C TYR B 4 -0.80 7.04 -4.78
N ILE B 5 -1.68 7.61 -5.60
CA ILE B 5 -1.90 9.05 -5.57
C ILE B 5 -3.26 9.33 -4.93
N LYS B 6 -3.23 10.14 -3.89
CA LYS B 6 -4.41 10.39 -3.07
C LYS B 6 -4.64 11.89 -2.85
N SER B 7 -5.90 12.28 -2.76
CA SER B 7 -6.25 13.65 -2.40
C SER B 7 -5.95 13.89 -0.92
N THR B 8 -5.18 14.93 -0.64
CA THR B 8 -4.79 15.25 0.73
C THR B 8 -5.95 15.82 1.54
N GLU B 9 -6.94 16.31 0.81
CA GLU B 9 -8.12 16.95 1.36
C GLU B 9 -9.34 16.02 1.52
N THR B 10 -9.52 15.10 0.56
CA THR B 10 -10.70 14.25 0.59
C THR B 10 -10.34 12.82 1.03
N GLY B 11 -9.07 12.43 0.83
CA GLY B 11 -8.64 11.10 1.19
C GLY B 11 -8.96 10.08 0.10
N GLN B 12 -9.41 10.59 -1.04
CA GLN B 12 -9.76 9.75 -2.18
C GLN B 12 -8.54 9.42 -3.03
N TYR B 13 -8.39 8.13 -3.36
CA TYR B 13 -7.29 7.66 -4.20
C TYR B 13 -7.62 7.81 -5.68
N LEU B 14 -6.63 8.23 -6.46
CA LEU B 14 -6.77 8.28 -7.90
C LEU B 14 -6.95 6.88 -8.45
N ARG B 15 -8.02 6.66 -9.21
CA ARG B 15 -8.33 5.35 -9.73
C ARG B 15 -8.53 5.34 -11.23
N ILE B 16 -7.86 4.40 -11.90
CA ILE B 16 -8.00 4.24 -13.34
C ILE B 16 -8.79 2.98 -13.66
N LEU B 17 -10.01 3.17 -14.18
CA LEU B 17 -10.91 2.05 -14.43
C LEU B 17 -10.70 1.44 -15.81
N PRO B 18 -10.98 0.13 -15.95
CA PRO B 18 -10.76 -0.62 -17.19
C PRO B 18 -11.49 -0.07 -18.41
N ASP B 19 -12.62 0.60 -18.21
CA ASP B 19 -13.35 1.18 -19.33
C ASP B 19 -12.80 2.54 -19.74
N GLY B 20 -11.63 2.90 -19.21
CA GLY B 20 -10.99 4.16 -19.54
C GLY B 20 -11.38 5.29 -18.61
N THR B 21 -12.29 5.01 -17.68
CA THR B 21 -12.76 6.02 -16.74
C THR B 21 -11.74 6.25 -15.63
N VAL B 22 -11.62 7.50 -15.20
CA VAL B 22 -10.77 7.85 -14.05
C VAL B 22 -11.61 8.56 -13.00
N ASP B 23 -11.56 8.07 -11.77
CA ASP B 23 -12.31 8.67 -10.68
C ASP B 23 -11.57 8.53 -9.35
N GLY B 24 -12.24 8.91 -8.27
CA GLY B 24 -11.65 8.80 -6.95
C GLY B 24 -12.37 7.76 -6.11
N THR B 25 -11.61 7.10 -5.25
CA THR B 25 -12.18 6.08 -4.36
C THR B 25 -11.45 6.03 -3.03
N ARG B 26 -12.16 5.62 -1.99
CA ARG B 26 -11.53 5.47 -0.68
C ARG B 26 -11.31 4.00 -0.35
N ASP B 27 -11.70 3.13 -1.27
CA ASP B 27 -11.48 1.69 -1.13
C ASP B 27 -10.02 1.32 -1.36
N ARG B 28 -9.27 1.12 -0.28
CA ARG B 28 -7.85 0.80 -0.37
C ARG B 28 -7.57 -0.59 -0.94
N SER B 29 -8.61 -1.42 -1.05
CA SER B 29 -8.44 -2.78 -1.56
CA SER B 29 -8.44 -2.78 -1.56
C SER B 29 -8.60 -2.85 -3.07
N ASP B 30 -9.08 -1.76 -3.67
CA ASP B 30 -9.28 -1.74 -5.11
C ASP B 30 -7.94 -1.75 -5.84
N GLN B 31 -7.77 -2.72 -6.72
CA GLN B 31 -6.52 -2.92 -7.45
C GLN B 31 -6.23 -1.82 -8.46
N HIS B 32 -7.23 -0.99 -8.76
CA HIS B 32 -7.09 -0.03 -9.83
C HIS B 32 -6.57 1.33 -9.36
N ILE B 33 -6.07 1.37 -8.13
CA ILE B 33 -5.45 2.58 -7.62
C ILE B 33 -3.94 2.44 -7.63
N GLN B 34 -3.48 1.25 -7.97
CA GLN B 34 -2.05 0.96 -7.98
C GLN B 34 -1.45 1.59 -9.23
N LEU B 35 -0.51 2.51 -9.07
CA LEU B 35 0.03 3.21 -10.23
C LEU B 35 1.53 2.99 -10.36
N GLN B 36 2.09 3.45 -11.47
CA GLN B 36 3.51 3.31 -11.74
C GLN B 36 4.02 4.50 -12.54
N LEU B 37 5.19 5.01 -12.16
CA LEU B 37 5.78 6.17 -12.81
C LEU B 37 6.88 5.78 -13.79
N SER B 38 6.99 6.52 -14.88
CA SER B 38 8.09 6.34 -15.83
C SER B 38 8.44 7.66 -16.51
N ALA B 39 9.72 7.86 -16.78
CA ALA B 39 10.19 9.10 -17.38
C ALA B 39 9.84 9.20 -18.86
N GLU B 40 9.23 10.31 -19.27
CA GLU B 40 8.96 10.57 -20.67
C GLU B 40 10.02 11.48 -21.28
N SER B 41 10.56 12.36 -20.45
CA SER B 41 11.51 13.40 -20.84
C SER B 41 11.79 14.25 -19.61
N VAL B 42 12.86 15.03 -19.64
CA VAL B 42 13.23 15.85 -18.50
C VAL B 42 12.07 16.70 -17.99
N GLY B 43 11.61 16.38 -16.79
CA GLY B 43 10.55 17.14 -16.15
C GLY B 43 9.15 16.58 -16.40
N GLU B 44 9.04 15.57 -17.25
CA GLU B 44 7.73 15.00 -17.58
C GLU B 44 7.69 13.48 -17.42
N VAL B 45 6.56 12.97 -16.96
CA VAL B 45 6.43 11.54 -16.67
C VAL B 45 5.15 10.92 -17.22
N TYR B 46 5.19 9.60 -17.34
CA TYR B 46 4.00 8.81 -17.61
C TYR B 46 3.45 8.29 -16.28
N ILE B 47 2.14 8.38 -16.12
CA ILE B 47 1.47 7.75 -15.00
C ILE B 47 0.60 6.61 -15.51
N LYS B 48 0.99 5.39 -15.19
CA LYS B 48 0.36 4.18 -15.73
C LYS B 48 -0.36 3.36 -14.66
N SER B 49 -1.55 2.88 -15.02
CA SER B 49 -2.22 1.85 -14.23
C SER B 49 -1.48 0.52 -14.37
N THR B 50 -1.15 -0.11 -13.26
CA THR B 50 -0.45 -1.40 -13.31
C THR B 50 -1.43 -2.54 -13.59
N GLU B 51 -2.68 -2.32 -13.20
CA GLU B 51 -3.72 -3.33 -13.34
C GLU B 51 -4.22 -3.41 -14.77
N THR B 52 -4.37 -2.26 -15.40
CA THR B 52 -4.96 -2.21 -16.72
C THR B 52 -3.96 -1.75 -17.77
N GLY B 53 -2.93 -1.02 -17.37
CA GLY B 53 -1.95 -0.52 -18.32
C GLY B 53 -2.37 0.71 -19.12
N GLN B 54 -3.44 1.38 -18.70
CA GLN B 54 -3.85 2.61 -19.37
C GLN B 54 -2.93 3.70 -18.86
N TYR B 55 -2.66 4.72 -19.68
CA TYR B 55 -1.91 5.87 -19.16
C TYR B 55 -2.89 6.95 -18.72
N LEU B 56 -2.58 7.63 -17.61
CA LEU B 56 -3.41 8.74 -17.14
C LEU B 56 -3.36 9.86 -18.19
N ARG B 57 -4.52 10.36 -18.59
CA ARG B 57 -4.58 11.36 -19.64
C ARG B 57 -5.43 12.58 -19.24
N ILE B 58 -4.90 13.76 -19.49
CA ILE B 58 -5.63 14.99 -19.23
C ILE B 58 -5.95 15.69 -20.56
N LEU B 59 -7.21 15.63 -20.97
CA LEU B 59 -7.63 16.22 -22.24
C LEU B 59 -7.87 17.72 -22.11
N PRO B 60 -7.66 18.47 -23.21
CA PRO B 60 -7.80 19.92 -23.24
C PRO B 60 -9.12 20.44 -22.69
N ASP B 61 -10.20 19.65 -22.81
CA ASP B 61 -11.50 20.10 -22.35
C ASP B 61 -11.73 19.86 -20.86
N GLY B 62 -10.68 19.41 -20.16
CA GLY B 62 -10.77 19.20 -18.73
C GLY B 62 -11.12 17.78 -18.34
N THR B 63 -11.37 16.93 -19.33
CA THR B 63 -11.65 15.53 -19.07
C THR B 63 -10.38 14.79 -18.66
N VAL B 64 -10.50 13.90 -17.67
CA VAL B 64 -9.39 13.06 -17.27
C VAL B 64 -9.80 11.61 -17.43
N ASP B 65 -9.06 10.88 -18.26
CA ASP B 65 -9.39 9.50 -18.54
C ASP B 65 -8.14 8.67 -18.75
N GLY B 66 -8.30 7.47 -19.28
CA GLY B 66 -7.19 6.58 -19.51
C GLY B 66 -7.08 6.17 -20.96
N THR B 67 -5.85 5.87 -21.39
CA THR B 67 -5.59 5.39 -22.74
C THR B 67 -4.34 4.52 -22.75
N ARG B 68 -4.32 3.51 -23.62
CA ARG B 68 -3.17 2.63 -23.74
C ARG B 68 -2.23 3.10 -24.82
N ASP B 69 -2.62 4.17 -25.52
CA ASP B 69 -1.82 4.73 -26.59
C ASP B 69 -0.67 5.58 -26.02
N ARG B 70 0.51 4.97 -25.93
CA ARG B 70 1.69 5.63 -25.39
C ARG B 70 2.11 6.83 -26.25
N SER B 71 1.64 6.86 -27.49
CA SER B 71 1.97 7.94 -28.41
C SER B 71 1.09 9.17 -28.21
N ASP B 72 -0.03 9.00 -27.49
CA ASP B 72 -0.95 10.09 -27.16
C ASP B 72 -0.18 11.29 -26.61
N GLN B 73 -0.54 12.50 -27.04
CA GLN B 73 0.23 13.67 -26.66
C GLN B 73 -0.42 14.43 -25.50
N HIS B 74 -1.30 13.76 -24.75
CA HIS B 74 -1.84 14.35 -23.54
C HIS B 74 -1.59 13.48 -22.30
N ILE B 75 -0.66 12.55 -22.41
CA ILE B 75 -0.32 11.67 -21.29
C ILE B 75 1.01 12.08 -20.67
N GLN B 76 1.65 13.08 -21.25
CA GLN B 76 2.87 13.64 -20.69
C GLN B 76 2.51 14.56 -19.54
N LEU B 77 2.84 14.15 -18.33
CA LEU B 77 2.39 14.87 -17.15
C LEU B 77 3.54 15.36 -16.29
N GLN B 78 3.28 16.40 -15.52
CA GLN B 78 4.29 16.93 -14.63
C GLN B 78 3.94 16.68 -13.18
N LEU B 79 4.74 15.87 -12.50
CA LEU B 79 4.69 15.78 -11.04
C LEU B 79 5.59 16.79 -10.39
N SER B 80 4.99 17.79 -9.77
CA SER B 80 5.77 18.76 -9.03
C SER B 80 5.57 18.53 -7.54
N ALA B 81 6.68 18.44 -6.82
CA ALA B 81 6.66 18.17 -5.39
C ALA B 81 6.56 19.49 -4.64
N GLU B 82 5.78 19.52 -3.56
CA GLU B 82 5.77 20.73 -2.74
C GLU B 82 6.52 20.34 -1.47
N SER B 83 6.76 19.03 -1.35
CA SER B 83 7.55 18.43 -0.29
C SER B 83 7.70 16.95 -0.60
N VAL B 84 8.03 16.17 0.42
CA VAL B 84 8.07 14.72 0.24
C VAL B 84 6.68 14.16 0.55
N GLY B 85 6.10 13.45 -0.42
CA GLY B 85 4.77 12.92 -0.28
C GLY B 85 3.68 13.83 -0.82
N GLU B 86 4.00 15.11 -1.01
CA GLU B 86 3.02 16.08 -1.45
C GLU B 86 3.31 16.60 -2.86
N VAL B 87 2.32 16.49 -3.73
CA VAL B 87 2.53 16.80 -5.14
C VAL B 87 1.32 17.44 -5.85
N TYR B 88 1.59 18.07 -6.98
CA TYR B 88 0.57 18.49 -7.93
C TYR B 88 0.78 17.77 -9.26
N ILE B 89 -0.31 17.39 -9.93
CA ILE B 89 -0.19 16.81 -11.27
C ILE B 89 -0.67 17.80 -12.32
N LYS B 90 0.25 18.22 -13.18
CA LYS B 90 -0.08 19.24 -14.18
C LYS B 90 0.16 18.78 -15.61
N SER B 91 -0.82 19.05 -16.47
CA SER B 91 -0.62 18.91 -17.90
C SER B 91 -0.08 20.23 -18.44
N THR B 92 1.21 20.27 -18.78
CA THR B 92 1.81 21.52 -19.19
C THR B 92 1.38 21.92 -20.59
N GLU B 93 1.05 20.93 -21.41
CA GLU B 93 0.55 21.20 -22.75
C GLU B 93 -0.88 21.76 -22.77
N THR B 94 -1.67 21.45 -21.75
CA THR B 94 -3.00 22.06 -21.65
C THR B 94 -3.03 23.14 -20.58
N GLY B 95 -2.13 23.02 -19.60
CA GLY B 95 -2.03 23.98 -18.52
C GLY B 95 -2.94 23.65 -17.34
N GLN B 96 -3.56 22.48 -17.40
CA GLN B 96 -4.53 22.06 -16.41
C GLN B 96 -3.91 21.27 -15.26
N TYR B 97 -4.39 21.49 -14.04
CA TYR B 97 -4.00 20.65 -12.92
C TYR B 97 -5.03 19.54 -12.70
N LEU B 98 -4.55 18.35 -12.36
CA LEU B 98 -5.47 17.26 -12.02
C LEU B 98 -6.20 17.56 -10.72
N ARG B 99 -7.50 17.33 -10.72
CA ARG B 99 -8.35 17.62 -9.58
C ARG B 99 -9.19 16.43 -9.14
N ILE B 100 -9.27 16.21 -7.83
CA ILE B 100 -10.09 15.14 -7.27
C ILE B 100 -11.18 15.74 -6.40
N LEU B 101 -12.43 15.57 -6.82
CA LEU B 101 -13.57 16.15 -6.13
C LEU B 101 -14.20 15.15 -5.17
N PRO B 102 -14.73 15.65 -4.03
CA PRO B 102 -15.27 14.77 -2.98
C PRO B 102 -16.44 13.88 -3.41
N ASP B 103 -17.10 14.19 -4.53
CA ASP B 103 -18.18 13.32 -5.00
C ASP B 103 -17.63 12.13 -5.78
N GLY B 104 -16.32 12.15 -6.02
CA GLY B 104 -15.65 11.04 -6.70
C GLY B 104 -15.18 11.36 -8.10
N THR B 105 -15.60 12.51 -8.63
CA THR B 105 -15.22 12.88 -9.99
C THR B 105 -13.78 13.37 -10.02
N VAL B 106 -13.05 12.95 -11.06
CA VAL B 106 -11.70 13.46 -11.28
C VAL B 106 -11.64 14.15 -12.63
N ASP B 107 -11.23 15.41 -12.63
CA ASP B 107 -11.14 16.19 -13.85
C ASP B 107 -9.98 17.17 -13.80
N GLY B 108 -9.91 18.05 -14.79
CA GLY B 108 -8.84 19.01 -14.88
C GLY B 108 -9.32 20.43 -14.68
N THR B 109 -8.45 21.28 -14.19
CA THR B 109 -8.77 22.68 -13.98
C THR B 109 -7.53 23.55 -14.10
N ARG B 110 -7.74 24.79 -14.54
CA ARG B 110 -6.65 25.73 -14.74
C ARG B 110 -6.59 26.75 -13.63
N ASP B 111 -7.44 26.55 -12.64
CA ASP B 111 -7.54 27.47 -11.52
C ASP B 111 -6.63 26.99 -10.38
N ARG B 112 -5.54 27.71 -10.14
CA ARG B 112 -4.62 27.31 -9.09
C ARG B 112 -5.14 27.55 -7.71
N SER B 113 -6.20 28.34 -7.62
CA SER B 113 -6.80 28.61 -6.31
C SER B 113 -7.71 27.47 -5.88
N ASP B 114 -7.99 26.55 -6.82
CA ASP B 114 -8.82 25.39 -6.54
C ASP B 114 -8.27 24.61 -5.36
N GLN B 115 -9.16 24.25 -4.45
CA GLN B 115 -8.75 23.62 -3.22
C GLN B 115 -8.91 22.09 -3.31
N HIS B 116 -8.79 21.51 -4.51
CA HIS B 116 -8.83 20.06 -4.66
C HIS B 116 -7.76 19.49 -5.61
N ILE B 117 -6.68 20.24 -5.82
CA ILE B 117 -5.63 19.80 -6.73
C ILE B 117 -4.37 19.36 -5.98
N GLN B 118 -4.35 19.51 -4.66
CA GLN B 118 -3.21 19.09 -3.83
C GLN B 118 -3.30 17.58 -3.54
N LEU B 119 -2.27 16.85 -3.97
CA LEU B 119 -2.29 15.39 -3.98
C LEU B 119 -1.24 14.79 -3.08
N GLN B 120 -1.39 13.51 -2.75
CA GLN B 120 -0.39 12.95 -1.87
C GLN B 120 0.23 11.76 -2.65
N LEU B 121 1.55 11.66 -2.75
CA LEU B 121 2.12 10.50 -3.44
C LEU B 121 2.78 9.57 -2.43
N SER B 122 2.39 8.29 -2.40
CA SER B 122 3.08 7.35 -1.54
C SER B 122 3.52 6.16 -2.37
N ALA B 123 4.69 5.62 -2.06
CA ALA B 123 5.25 4.51 -2.82
C ALA B 123 5.51 3.29 -1.94
S SO4 C . 0.00 -3.63 -22.55
O1 SO4 C . 1.09 -3.28 -21.65
O2 SO4 C . 0.41 -3.45 -23.93
O3 SO4 C . -0.37 -5.03 -22.33
O4 SO4 C . -1.16 -2.78 -22.28
#